data_2B4W
#
_entry.id   2B4W
#
_cell.length_a   97.4
_cell.length_b   97.4
_cell.length_c   113.6
_cell.angle_alpha   90.0
_cell.angle_beta   90.0
_cell.angle_gamma   120.0
#
_symmetry.space_group_name_H-M   'H 3'
#
loop_
_entity.id
_entity.type
_entity.pdbx_description
1 polymer 'hypothetical protein, conserved'
2 water water
#
_entity_poly.entity_id   1
_entity_poly.type   'polypeptide(L)'
_entity_poly.pdbx_seq_one_letter_code
;(MSE)KQVKAAFEANKRVYESVLLTFKGVDGYDVYNCSVPFSYKGKTHIYGRVEKRDIWAASHVRLFEETGKDEFTAVPE
LSWELEDPYIAKINNE(MSE)IFGGTRVRKNGNAILSYYGYFYRGTPDELTYFTRGPGC(MSE)KDIRVLQLQDGRLGVF
SRPRVGRKASIGFVILNSIDELGAEVIAKAPPLDILSENAWGGVNQAYLLSSGKVGCIGHYSYEDTNEKQQPQSVYVNYA
FVLDPQSRAITGAKIIGTKSCYPPCEPKVPLLADCVFASGIV(MSE)RSDGKVDLYSGVGDSHEGRITIDYPFKGHGTII
GDLHFP(MSE)ASSL
;
_entity_poly.pdbx_strand_id   A
#
# COMPACT_ATOMS: atom_id res chain seq x y z
N LYS A 2 -20.74 8.58 3.82
CA LYS A 2 -20.88 7.20 4.21
C LYS A 2 -21.51 7.00 5.59
N GLN A 3 -22.64 6.31 5.59
CA GLN A 3 -23.20 5.77 6.82
C GLN A 3 -22.29 4.65 7.31
N VAL A 4 -21.55 4.00 6.40
CA VAL A 4 -20.65 2.94 6.88
C VAL A 4 -19.53 3.55 7.70
N LYS A 5 -18.98 4.66 7.22
CA LYS A 5 -17.91 5.35 7.91
C LYS A 5 -18.37 5.77 9.30
N ALA A 6 -19.57 6.37 9.35
CA ALA A 6 -20.06 6.84 10.67
C ALA A 6 -20.26 5.66 11.61
N ALA A 7 -20.72 4.56 11.01
CA ALA A 7 -20.82 3.35 11.85
C ALA A 7 -19.43 2.96 12.32
N PHE A 8 -18.46 2.91 11.41
CA PHE A 8 -17.11 2.52 11.78
C PHE A 8 -16.58 3.39 12.93
N GLU A 9 -16.61 4.70 12.71
CA GLU A 9 -16.17 5.63 13.76
C GLU A 9 -16.79 5.34 15.12
N ALA A 10 -18.03 4.88 15.09
CA ALA A 10 -18.79 4.57 16.29
C ALA A 10 -18.37 3.24 16.89
N ASN A 11 -18.07 2.31 15.99
CA ASN A 11 -17.75 0.95 16.39
C ASN A 11 -16.28 0.60 16.30
N LYS A 12 -15.36 1.55 16.16
CA LYS A 12 -13.99 1.11 15.83
C LYS A 12 -13.31 0.37 16.98
N ARG A 13 -12.42 -0.54 16.58
CA ARG A 13 -11.80 -1.45 17.54
C ARG A 13 -10.29 -1.49 17.31
N VAL A 14 -9.60 -0.62 18.03
CA VAL A 14 -8.20 -0.31 17.94
C VAL A 14 -7.50 -0.60 19.26
N TYR A 15 -6.42 -1.37 19.21
CA TYR A 15 -5.74 -1.82 20.41
C TYR A 15 -4.49 -1.04 20.73
N GLU A 16 -3.96 -0.37 19.72
CA GLU A 16 -2.74 0.41 19.80
C GLU A 16 -2.81 1.44 18.66
N SER A 17 -2.22 2.60 18.87
CA SER A 17 -2.30 3.72 17.92
C SER A 17 -1.10 4.63 18.12
N VAL A 18 -0.26 4.70 17.09
CA VAL A 18 0.98 5.45 17.14
C VAL A 18 1.24 6.10 15.77
N LEU A 19 2.17 7.06 15.83
CA LEU A 19 2.74 7.64 14.61
C LEU A 19 4.19 7.21 14.54
N LEU A 20 4.64 6.81 13.36
CA LEU A 20 6.03 6.44 13.22
C LEU A 20 6.89 7.71 13.39
N THR A 21 8.09 7.52 13.90
CA THR A 21 9.06 8.61 13.97
C THR A 21 10.15 8.26 12.95
N PHE A 22 10.58 9.22 12.17
CA PHE A 22 11.58 9.04 11.13
C PHE A 22 12.77 9.97 11.42
N LYS A 23 13.99 9.47 11.25
CA LYS A 23 15.25 10.16 11.47
C LYS A 23 16.12 10.14 10.24
N GLY A 24 16.91 11.21 10.15
CA GLY A 24 17.76 11.47 9.03
C GLY A 24 17.01 12.17 7.91
N VAL A 25 15.76 12.58 8.12
CA VAL A 25 15.15 13.39 7.04
C VAL A 25 14.48 14.61 7.63
N ASP A 26 15.19 15.27 8.55
CA ASP A 26 14.67 16.47 9.20
C ASP A 26 14.19 17.51 8.21
N GLY A 27 13.04 18.14 8.44
CA GLY A 27 12.60 19.16 7.49
C GLY A 27 11.56 18.64 6.52
N TYR A 28 11.54 17.31 6.39
CA TYR A 28 10.61 16.64 5.49
C TYR A 28 9.49 15.91 6.21
N ASP A 29 8.38 15.76 5.48
CA ASP A 29 7.32 14.83 5.85
C ASP A 29 7.71 13.47 5.24
N VAL A 30 7.24 12.42 5.88
CA VAL A 30 7.39 11.05 5.40
C VAL A 30 6.02 10.39 5.51
N TYR A 31 5.50 9.85 4.42
CA TYR A 31 4.13 9.35 4.43
C TYR A 31 3.97 8.35 3.28
N ASN A 32 2.77 7.86 3.12
CA ASN A 32 2.38 6.82 2.20
C ASN A 32 3.53 5.84 1.94
N CYS A 33 3.92 5.18 3.03
CA CYS A 33 5.06 4.25 3.00
C CYS A 33 4.68 2.97 2.28
N SER A 34 5.68 2.15 1.97
CA SER A 34 5.39 0.76 1.62
C SER A 34 4.93 0.00 2.85
N VAL A 35 4.48 -1.23 2.68
CA VAL A 35 4.32 -2.04 3.90
C VAL A 35 5.69 -2.29 4.48
N PRO A 36 5.90 -2.40 5.79
CA PRO A 36 7.24 -2.82 6.21
C PRO A 36 7.63 -4.19 5.68
N PHE A 37 8.94 -4.49 5.71
CA PHE A 37 9.44 -5.77 5.20
C PHE A 37 10.70 -6.08 5.99
N SER A 38 11.33 -7.23 5.80
CA SER A 38 12.58 -7.50 6.50
C SER A 38 13.69 -7.86 5.52
N TYR A 39 14.92 -7.47 5.84
CA TYR A 39 16.07 -7.75 5.01
C TYR A 39 17.31 -7.71 5.91
N LYS A 40 18.24 -8.62 5.69
CA LYS A 40 19.50 -8.67 6.43
C LYS A 40 19.29 -8.54 7.94
N GLY A 41 18.23 -9.17 8.45
CA GLY A 41 17.99 -9.23 9.88
C GLY A 41 17.31 -8.03 10.46
N LYS A 42 16.91 -7.05 9.64
CA LYS A 42 16.21 -5.91 10.22
C LYS A 42 14.97 -5.53 9.40
N THR A 43 14.02 -4.98 10.16
CA THR A 43 12.77 -4.44 9.66
C THR A 43 13.12 -3.13 8.94
N HIS A 44 12.57 -2.97 7.76
CA HIS A 44 12.78 -1.81 6.90
C HIS A 44 11.43 -1.31 6.37
N ILE A 45 11.50 -0.11 5.83
CA ILE A 45 10.33 0.51 5.20
C ILE A 45 10.79 1.52 4.15
N TYR A 46 10.07 1.57 3.02
CA TYR A 46 10.27 2.68 2.08
C TYR A 46 9.26 3.78 2.42
N GLY A 47 9.69 5.02 2.37
CA GLY A 47 8.81 6.14 2.60
C GLY A 47 8.88 7.17 1.47
N ARG A 48 7.74 7.84 1.33
CA ARG A 48 7.63 8.98 0.42
C ARG A 48 8.01 10.21 1.22
N VAL A 49 9.05 10.88 0.81
CA VAL A 49 9.68 12.02 1.42
C VAL A 49 9.46 13.29 0.59
N GLU A 50 8.78 14.24 1.24
CA GLU A 50 8.39 15.48 0.60
C GLU A 50 8.17 16.54 1.67
N LYS A 51 8.56 17.75 1.29
CA LYS A 51 8.32 19.00 1.98
C LYS A 51 6.84 19.25 2.15
N ARG A 52 6.43 19.63 3.37
CA ARG A 52 5.01 19.78 3.56
C ARG A 52 4.39 20.90 2.73
N ASP A 53 5.15 21.97 2.49
CA ASP A 53 4.53 23.08 1.76
C ASP A 53 4.71 23.03 0.27
N ILE A 54 4.91 21.86 -0.32
CA ILE A 54 4.94 21.79 -1.79
C ILE A 54 4.39 20.45 -2.28
N TRP A 55 3.85 20.45 -3.49
CA TRP A 55 3.24 19.30 -4.12
C TRP A 55 4.04 18.75 -5.29
N ALA A 56 3.82 17.46 -5.56
CA ALA A 56 4.53 16.75 -6.60
C ALA A 56 6.05 16.94 -6.56
N ALA A 57 6.66 16.92 -5.39
CA ALA A 57 8.07 17.11 -5.12
C ALA A 57 8.65 16.10 -4.12
N SER A 58 8.35 14.83 -4.34
CA SER A 58 8.75 13.69 -3.54
C SER A 58 9.90 12.94 -4.18
N HIS A 59 10.62 12.27 -3.30
CA HIS A 59 11.55 11.21 -3.65
C HIS A 59 11.28 10.05 -2.69
N VAL A 60 11.90 8.91 -2.89
CA VAL A 60 11.68 7.80 -1.99
C VAL A 60 12.98 7.45 -1.28
N ARG A 61 12.90 7.24 0.03
CA ARG A 61 14.04 6.75 0.77
C ARG A 61 13.76 5.36 1.36
N LEU A 62 14.84 4.66 1.67
CA LEU A 62 14.77 3.40 2.40
C LEU A 62 15.12 3.72 3.87
N PHE A 63 14.29 3.25 4.80
CA PHE A 63 14.50 3.34 6.21
C PHE A 63 14.60 1.97 6.91
N GLU A 64 15.53 1.90 7.84
CA GLU A 64 15.85 0.82 8.75
C GLU A 64 15.27 1.12 10.13
N GLU A 65 14.52 0.14 10.62
CA GLU A 65 14.06 0.18 12.00
C GLU A 65 15.22 0.36 12.98
N THR A 66 15.19 1.42 13.79
CA THR A 66 16.23 1.52 14.80
C THR A 66 15.64 1.68 16.21
N GLY A 67 14.36 1.40 16.36
CA GLY A 67 13.65 1.42 17.64
C GLY A 67 12.19 1.09 17.43
N LYS A 68 11.40 0.94 18.47
CA LYS A 68 9.98 0.64 18.31
C LYS A 68 9.30 1.80 17.59
N ASP A 69 8.72 1.56 16.42
CA ASP A 69 8.08 2.59 15.58
C ASP A 69 9.02 3.76 15.26
N GLU A 70 10.32 3.48 15.20
CA GLU A 70 11.38 4.40 14.83
C GLU A 70 12.25 3.84 13.70
N PHE A 71 12.39 4.66 12.68
CA PHE A 71 12.98 4.34 11.40
C PHE A 71 14.01 5.37 10.96
N THR A 72 15.23 4.90 10.64
CA THR A 72 16.26 5.84 10.21
C THR A 72 16.63 5.64 8.75
N ALA A 73 16.74 6.77 8.05
CA ALA A 73 16.97 6.68 6.61
C ALA A 73 18.30 6.01 6.35
N VAL A 74 18.35 5.18 5.31
CA VAL A 74 19.63 4.59 4.95
C VAL A 74 20.34 5.53 3.96
N PRO A 75 21.54 5.95 4.32
CA PRO A 75 22.32 6.87 3.48
C PRO A 75 22.35 6.50 2.01
N GLU A 76 22.30 7.51 1.15
CA GLU A 76 22.72 7.48 -0.23
C GLU A 76 22.00 6.51 -1.17
N LEU A 77 20.77 6.18 -0.86
CA LEU A 77 19.81 5.44 -1.66
C LEU A 77 18.56 6.32 -1.82
N SER A 78 18.09 6.46 -3.05
CA SER A 78 16.83 7.15 -3.26
C SER A 78 16.27 6.82 -4.63
N TRP A 79 14.99 7.11 -4.83
CA TRP A 79 14.29 6.87 -6.07
C TRP A 79 13.39 8.09 -6.33
N GLU A 80 13.27 8.49 -7.60
CA GLU A 80 12.46 9.63 -7.98
C GLU A 80 11.02 9.18 -8.21
N LEU A 81 10.35 8.89 -7.10
CA LEU A 81 8.98 8.43 -7.14
C LEU A 81 8.21 8.91 -5.93
N GLU A 82 6.89 8.77 -5.99
CA GLU A 82 5.91 8.88 -4.94
C GLU A 82 5.33 7.51 -4.55
N ASP A 83 4.73 7.43 -3.37
CA ASP A 83 3.95 6.28 -2.91
C ASP A 83 4.59 4.93 -3.22
N PRO A 84 5.68 4.61 -2.54
CA PRO A 84 6.36 3.33 -2.85
C PRO A 84 5.54 2.13 -2.37
N TYR A 85 5.80 0.96 -2.94
CA TYR A 85 5.04 -0.26 -2.69
C TYR A 85 5.83 -1.49 -3.10
N ILE A 86 5.59 -2.58 -2.37
CA ILE A 86 6.42 -3.77 -2.57
C ILE A 86 5.57 -5.04 -2.64
N ALA A 87 6.23 -6.05 -3.21
CA ALA A 87 5.67 -7.38 -3.28
C ALA A 87 6.83 -8.37 -3.39
N LYS A 88 6.57 -9.61 -2.98
CA LYS A 88 7.51 -10.70 -3.19
C LYS A 88 6.95 -11.65 -4.24
N ILE A 89 7.73 -11.81 -5.31
CA ILE A 89 7.40 -12.80 -6.34
C ILE A 89 8.65 -13.61 -6.60
N ASN A 90 8.49 -14.93 -6.49
CA ASN A 90 9.60 -15.88 -6.58
C ASN A 90 10.87 -15.46 -5.86
N ASN A 91 10.74 -15.22 -4.55
CA ASN A 91 11.94 -15.00 -3.72
C ASN A 91 12.68 -13.72 -4.01
N GLU A 92 12.01 -12.79 -4.70
CA GLU A 92 12.61 -11.47 -4.89
C GLU A 92 11.56 -10.38 -4.75
N MSE A 93 12.12 -9.20 -4.58
CA MSE A 93 11.36 -7.97 -4.44
C MSE A 93 11.02 -7.43 -5.84
O MSE A 93 11.89 -7.35 -6.71
CB MSE A 93 12.13 -6.92 -3.62
CG MSE A 93 11.35 -5.64 -3.39
SE MSE A 93 12.28 -4.25 -2.44
CE MSE A 93 11.61 -4.89 -0.75
N ILE A 94 9.76 -7.08 -6.01
CA ILE A 94 9.12 -6.27 -7.02
C ILE A 94 8.71 -4.98 -6.30
N PHE A 95 9.49 -3.95 -6.58
CA PHE A 95 9.35 -2.63 -5.99
C PHE A 95 8.80 -1.66 -7.05
N GLY A 96 7.88 -0.81 -6.61
CA GLY A 96 7.29 0.16 -7.50
C GLY A 96 6.99 1.46 -6.83
N GLY A 97 6.70 2.42 -7.69
CA GLY A 97 6.39 3.76 -7.23
C GLY A 97 5.82 4.54 -8.43
N THR A 98 5.25 5.68 -8.10
CA THR A 98 4.72 6.59 -9.11
C THR A 98 5.81 7.51 -9.64
N ARG A 99 5.99 7.46 -10.94
CA ARG A 99 6.93 8.32 -11.64
C ARG A 99 6.16 9.46 -12.32
N VAL A 100 6.58 10.70 -12.05
CA VAL A 100 5.90 11.91 -12.47
C VAL A 100 6.74 12.73 -13.44
N ARG A 101 6.24 12.93 -14.66
CA ARG A 101 6.86 13.71 -15.72
C ARG A 101 6.39 15.17 -15.67
N ILE A 107 3.29 19.39 -14.75
CA ILE A 107 3.15 17.93 -14.78
C ILE A 107 2.50 17.43 -16.07
N LEU A 108 3.22 16.65 -16.86
CA LEU A 108 2.66 16.16 -18.13
C LEU A 108 1.86 14.88 -17.94
N SER A 109 2.46 13.96 -17.19
CA SER A 109 2.03 12.58 -17.06
C SER A 109 2.54 11.86 -15.82
N TYR A 110 1.97 10.70 -15.52
CA TYR A 110 2.50 9.84 -14.48
C TYR A 110 2.23 8.37 -14.83
N TYR A 111 3.08 7.54 -14.24
CA TYR A 111 3.21 6.12 -14.49
C TYR A 111 3.52 5.35 -13.19
N GLY A 112 3.06 4.11 -13.16
CA GLY A 112 3.53 3.12 -12.19
C GLY A 112 4.81 2.48 -12.77
N TYR A 113 5.95 2.69 -12.14
CA TYR A 113 7.26 2.14 -12.47
C TYR A 113 7.59 0.93 -11.59
N PHE A 114 8.13 -0.12 -12.21
CA PHE A 114 8.42 -1.40 -11.56
C PHE A 114 9.89 -1.75 -11.74
N TYR A 115 10.48 -2.21 -10.66
CA TYR A 115 11.87 -2.58 -10.45
C TYR A 115 11.90 -3.96 -9.81
N ARG A 116 12.95 -4.71 -10.12
CA ARG A 116 13.07 -6.03 -9.51
C ARG A 116 14.48 -6.20 -8.95
N GLY A 117 14.60 -7.09 -7.98
CA GLY A 117 15.91 -7.38 -7.42
C GLY A 117 15.89 -7.69 -5.95
N THR A 118 16.89 -7.16 -5.28
CA THR A 118 17.00 -7.16 -3.82
C THR A 118 16.73 -5.74 -3.36
N PRO A 119 16.33 -5.49 -2.13
CA PRO A 119 15.91 -4.16 -1.63
C PRO A 119 17.04 -3.11 -1.69
N ASP A 120 18.21 -3.63 -1.87
CA ASP A 120 19.50 -3.06 -2.03
C ASP A 120 19.94 -2.84 -3.48
N GLU A 121 19.39 -3.64 -4.39
CA GLU A 121 19.71 -3.55 -5.81
C GLU A 121 18.48 -3.80 -6.69
N LEU A 122 17.81 -2.70 -7.01
CA LEU A 122 16.56 -2.72 -7.77
C LEU A 122 16.75 -2.23 -9.19
N THR A 123 16.29 -3.04 -10.13
CA THR A 123 16.55 -2.73 -11.52
C THR A 123 15.22 -2.48 -12.23
N TYR A 124 15.05 -1.29 -12.79
CA TYR A 124 13.83 -0.99 -13.52
C TYR A 124 13.53 -2.10 -14.53
N PHE A 125 12.28 -2.53 -14.67
CA PHE A 125 12.05 -3.46 -15.79
C PHE A 125 10.77 -3.14 -16.54
N THR A 126 9.78 -2.41 -16.02
CA THR A 126 8.55 -2.21 -16.76
C THR A 126 7.69 -1.17 -16.04
N ARG A 127 6.54 -0.83 -16.63
CA ARG A 127 5.68 0.22 -16.13
C ARG A 127 4.25 0.07 -16.63
N GLY A 128 3.35 0.81 -15.99
CA GLY A 128 1.94 0.80 -16.39
C GLY A 128 1.67 1.83 -17.47
N PRO A 129 0.39 1.94 -17.82
CA PRO A 129 -0.08 2.92 -18.80
C PRO A 129 0.01 4.36 -18.33
N GLY A 130 0.12 5.28 -19.29
CA GLY A 130 0.21 6.69 -18.92
C GLY A 130 -0.99 7.12 -18.12
N CYS A 131 -0.74 8.07 -17.22
CA CYS A 131 -1.76 8.58 -16.31
C CYS A 131 -2.55 7.48 -15.60
N MSE A 132 -1.82 6.51 -15.03
CA MSE A 132 -2.43 5.49 -14.16
C MSE A 132 -1.49 5.25 -12.98
O MSE A 132 -0.26 5.18 -13.11
CB MSE A 132 -2.69 4.17 -14.89
CG MSE A 132 -3.35 3.15 -14.00
SE MSE A 132 -3.73 1.40 -14.57
CE MSE A 132 -5.14 1.96 -15.77
N LYS A 133 -2.06 5.12 -11.78
CA LYS A 133 -1.21 4.73 -10.65
C LYS A 133 -1.94 3.68 -9.83
N ASP A 134 -1.49 3.40 -8.62
CA ASP A 134 -2.21 2.44 -7.79
C ASP A 134 -2.36 1.07 -8.40
N ILE A 135 -1.39 0.62 -9.18
CA ILE A 135 -1.20 -0.70 -9.75
C ILE A 135 -0.37 -1.58 -8.79
N ARG A 136 -0.87 -2.78 -8.50
CA ARG A 136 -0.34 -3.71 -7.53
C ARG A 136 -0.35 -5.17 -8.00
N VAL A 137 0.61 -5.92 -7.44
CA VAL A 137 0.70 -7.33 -7.82
C VAL A 137 0.91 -8.20 -6.59
N LEU A 138 0.73 -9.49 -6.85
CA LEU A 138 1.11 -10.56 -5.97
C LEU A 138 1.24 -11.89 -6.74
N GLN A 139 1.89 -12.82 -6.04
CA GLN A 139 1.97 -14.20 -6.48
C GLN A 139 0.80 -15.02 -5.95
N LEU A 140 0.06 -15.68 -6.83
CA LEU A 140 -1.14 -16.44 -6.53
C LEU A 140 -0.81 -17.85 -6.04
N GLN A 141 -1.84 -18.55 -5.57
CA GLN A 141 -1.60 -19.89 -5.02
C GLN A 141 -0.81 -20.82 -5.92
N ASP A 142 -1.17 -20.83 -7.20
CA ASP A 142 -0.56 -21.71 -8.17
C ASP A 142 0.74 -21.16 -8.74
N GLY A 143 1.07 -19.95 -8.28
CA GLY A 143 2.34 -19.33 -8.61
C GLY A 143 2.28 -18.28 -9.69
N ARG A 144 1.14 -18.13 -10.36
CA ARG A 144 1.08 -17.09 -11.39
C ARG A 144 0.87 -15.73 -10.73
N LEU A 145 0.78 -14.69 -11.55
CA LEU A 145 0.79 -13.31 -11.07
C LEU A 145 -0.58 -12.66 -11.12
N GLY A 146 -1.13 -12.33 -9.94
CA GLY A 146 -2.32 -11.50 -9.92
C GLY A 146 -1.95 -10.04 -10.07
N VAL A 147 -2.68 -9.33 -10.93
CA VAL A 147 -2.40 -7.91 -11.09
C VAL A 147 -3.67 -7.08 -10.95
N PHE A 148 -3.55 -6.04 -10.13
CA PHE A 148 -4.61 -5.07 -9.95
C PHE A 148 -4.27 -3.73 -10.62
N SER A 149 -5.20 -3.23 -11.42
CA SER A 149 -5.07 -1.94 -12.08
C SER A 149 -5.94 -0.90 -11.41
N ARG A 150 -5.84 0.36 -11.81
CA ARG A 150 -6.65 1.41 -11.22
C ARG A 150 -6.86 2.57 -12.18
N PRO A 151 -7.63 2.38 -13.23
CA PRO A 151 -7.99 3.54 -14.07
C PRO A 151 -8.81 4.57 -13.29
N ARG A 152 -8.35 5.81 -13.34
CA ARG A 152 -9.09 6.92 -12.75
C ARG A 152 -9.09 8.13 -13.68
N VAL A 153 -10.28 8.61 -14.05
CA VAL A 153 -10.38 9.83 -14.85
C VAL A 153 -11.84 10.26 -15.03
N ALA A 157 -13.20 6.17 -12.06
CA ALA A 157 -12.30 5.29 -11.32
C ALA A 157 -12.84 3.86 -11.17
N SER A 158 -11.95 2.91 -11.43
CA SER A 158 -12.30 1.50 -11.25
C SER A 158 -11.09 0.78 -10.69
N ILE A 159 -11.34 -0.32 -10.02
CA ILE A 159 -10.25 -1.21 -9.67
C ILE A 159 -10.47 -2.47 -10.51
N GLY A 160 -9.45 -2.76 -11.30
CA GLY A 160 -9.44 -3.91 -12.18
C GLY A 160 -8.47 -4.99 -11.72
N PHE A 161 -8.56 -6.16 -12.36
CA PHE A 161 -7.78 -7.30 -11.98
C PHE A 161 -7.66 -8.28 -13.15
N VAL A 162 -6.42 -8.69 -13.38
CA VAL A 162 -6.13 -9.73 -14.36
C VAL A 162 -5.02 -10.65 -13.90
N ILE A 163 -5.22 -11.93 -14.20
CA ILE A 163 -4.18 -12.89 -13.84
C ILE A 163 -3.17 -13.04 -14.98
N LEU A 164 -1.88 -12.81 -14.75
CA LEU A 164 -0.92 -13.05 -15.82
C LEU A 164 -0.05 -14.28 -15.54
N ASN A 165 0.67 -14.78 -16.54
CA ASN A 165 1.52 -15.94 -16.35
C ASN A 165 2.74 -15.66 -15.47
N SER A 166 3.25 -14.44 -15.53
CA SER A 166 4.46 -14.09 -14.82
C SER A 166 4.80 -12.62 -14.94
N ILE A 167 5.81 -12.25 -14.17
CA ILE A 167 6.21 -10.85 -14.09
C ILE A 167 6.73 -10.31 -15.41
N ASP A 168 7.24 -11.23 -16.20
CA ASP A 168 7.70 -11.03 -17.55
C ASP A 168 6.61 -10.57 -18.50
N GLU A 169 5.34 -10.64 -18.07
CA GLU A 169 4.29 -10.23 -19.00
C GLU A 169 3.68 -8.89 -18.61
N LEU A 170 4.12 -8.43 -17.44
CA LEU A 170 3.68 -7.17 -16.89
C LEU A 170 4.17 -5.99 -17.76
N GLY A 171 3.26 -5.10 -18.09
CA GLY A 171 3.48 -3.93 -18.93
C GLY A 171 2.18 -3.18 -19.16
N ALA A 172 2.24 -2.02 -19.80
CA ALA A 172 1.18 -1.01 -19.81
C ALA A 172 -0.10 -1.51 -20.47
N GLU A 173 0.05 -2.25 -21.58
CA GLU A 173 -1.16 -2.68 -22.28
C GLU A 173 -2.00 -3.67 -21.50
N VAL A 174 -1.41 -4.80 -21.11
CA VAL A 174 -2.22 -5.79 -20.39
C VAL A 174 -2.79 -5.20 -19.10
N ILE A 175 -2.03 -4.31 -18.49
CA ILE A 175 -2.49 -3.63 -17.28
C ILE A 175 -3.78 -2.90 -17.60
N ALA A 176 -3.71 -2.01 -18.57
CA ALA A 176 -4.83 -1.22 -19.05
C ALA A 176 -6.06 -2.03 -19.40
N LYS A 177 -5.87 -3.21 -19.99
CA LYS A 177 -7.03 -3.98 -20.43
C LYS A 177 -7.58 -4.87 -19.33
N ALA A 178 -7.00 -4.78 -18.13
CA ALA A 178 -7.51 -5.62 -17.05
C ALA A 178 -9.00 -5.34 -16.83
N PRO A 179 -9.85 -6.36 -16.81
CA PRO A 179 -11.28 -6.09 -16.62
C PRO A 179 -11.49 -5.64 -15.17
N PRO A 180 -12.52 -4.83 -15.02
CA PRO A 180 -12.88 -4.25 -13.73
C PRO A 180 -13.49 -5.27 -12.77
N LEU A 181 -13.27 -4.97 -11.49
CA LEU A 181 -13.97 -5.69 -10.45
C LEU A 181 -14.99 -4.67 -9.89
N ASP A 182 -16.04 -5.25 -9.37
CA ASP A 182 -17.18 -4.70 -8.70
C ASP A 182 -16.85 -4.26 -7.28
N ILE A 183 -16.18 -3.13 -7.15
CA ILE A 183 -15.69 -2.64 -5.85
C ILE A 183 -16.08 -1.19 -5.62
N LEU A 184 -15.72 -0.30 -6.54
CA LEU A 184 -16.07 1.12 -6.44
C LEU A 184 -17.26 1.47 -7.33
N ASN A 187 -19.14 7.59 -8.24
CA ASN A 187 -18.73 8.95 -7.89
C ASN A 187 -17.63 8.96 -6.84
N ALA A 188 -17.13 7.76 -6.50
CA ALA A 188 -16.03 7.66 -5.54
C ALA A 188 -14.88 6.91 -6.18
N TRP A 189 -13.78 6.78 -5.46
CA TRP A 189 -12.68 6.02 -6.07
C TRP A 189 -11.93 5.24 -5.00
N GLY A 190 -10.74 4.75 -5.31
CA GLY A 190 -9.98 3.93 -4.39
C GLY A 190 -8.88 3.18 -5.12
N GLY A 191 -8.35 2.19 -4.44
CA GLY A 191 -7.18 1.42 -4.81
C GLY A 191 -6.78 0.36 -3.80
N VAL A 192 -6.13 -0.66 -4.34
CA VAL A 192 -5.42 -1.69 -3.61
C VAL A 192 -4.04 -1.11 -3.33
N ASN A 193 -3.57 -1.29 -2.10
CA ASN A 193 -2.26 -0.80 -1.69
C ASN A 193 -1.34 -1.98 -1.40
N GLN A 194 -1.89 -3.04 -0.82
CA GLN A 194 -1.14 -4.27 -0.59
C GLN A 194 -2.11 -5.45 -0.70
N ALA A 195 -1.75 -6.39 -1.57
CA ALA A 195 -2.41 -7.68 -1.75
C ALA A 195 -1.64 -8.82 -1.10
N TYR A 196 -2.41 -9.74 -0.52
CA TYR A 196 -1.95 -10.89 0.23
C TYR A 196 -2.58 -12.17 -0.31
N LEU A 197 -1.79 -13.24 -0.35
CA LEU A 197 -2.34 -14.56 -0.66
C LEU A 197 -2.79 -15.24 0.63
N LEU A 198 -4.03 -15.72 0.60
CA LEU A 198 -4.64 -16.41 1.71
C LEU A 198 -4.64 -17.91 1.50
N SER A 199 -4.56 -18.69 2.57
CA SER A 199 -4.58 -20.12 2.52
C SER A 199 -5.76 -20.69 1.75
N SER A 200 -6.83 -19.94 1.54
CA SER A 200 -7.99 -20.32 0.75
C SER A 200 -7.76 -20.25 -0.75
N GLY A 201 -6.67 -19.60 -1.16
CA GLY A 201 -6.39 -19.39 -2.58
C GLY A 201 -6.94 -18.07 -3.06
N LYS A 202 -7.75 -17.45 -2.24
CA LYS A 202 -8.35 -16.16 -2.37
C LYS A 202 -7.31 -15.07 -2.07
N VAL A 203 -7.68 -13.84 -2.38
CA VAL A 203 -6.75 -12.72 -2.21
C VAL A 203 -7.26 -11.69 -1.23
N GLY A 204 -6.50 -11.51 -0.16
CA GLY A 204 -6.72 -10.47 0.81
C GLY A 204 -6.15 -9.15 0.33
N CYS A 205 -7.00 -8.15 0.09
CA CYS A 205 -6.47 -6.83 -0.21
C CYS A 205 -6.69 -5.82 0.90
N ILE A 206 -5.62 -5.03 1.09
CA ILE A 206 -5.65 -3.83 1.93
C ILE A 206 -5.58 -2.62 1.03
N GLY A 207 -6.52 -1.68 1.12
CA GLY A 207 -6.40 -0.52 0.23
C GLY A 207 -7.07 0.72 0.75
N HIS A 208 -7.52 1.57 -0.17
CA HIS A 208 -8.17 2.83 0.20
C HIS A 208 -9.52 2.97 -0.49
N TYR A 209 -10.47 3.54 0.25
CA TYR A 209 -11.78 3.86 -0.32
C TYR A 209 -11.90 5.38 -0.16
N SER A 210 -12.32 6.04 -1.24
CA SER A 210 -12.27 7.49 -1.27
C SER A 210 -13.59 8.06 -1.79
N TYR A 211 -13.97 9.22 -1.24
CA TYR A 211 -15.13 9.92 -1.77
C TYR A 211 -15.17 11.41 -1.42
N GLU A 212 -15.93 12.11 -2.25
CA GLU A 212 -16.18 13.53 -2.15
C GLU A 212 -17.58 13.76 -1.57
N GLN A 221 -13.94 18.23 1.96
CA GLN A 221 -13.11 17.11 2.39
C GLN A 221 -13.00 15.99 1.36
N SER A 222 -11.76 15.62 1.06
CA SER A 222 -11.58 14.36 0.32
C SER A 222 -11.28 13.27 1.36
N VAL A 223 -12.28 12.41 1.54
CA VAL A 223 -12.28 11.37 2.54
C VAL A 223 -11.56 10.12 2.03
N TYR A 224 -10.50 9.70 2.73
CA TYR A 224 -9.78 8.47 2.43
C TYR A 224 -9.81 7.60 3.68
N VAL A 225 -10.39 6.40 3.57
CA VAL A 225 -10.33 5.48 4.69
C VAL A 225 -9.58 4.21 4.33
N ASN A 226 -9.12 3.50 5.36
CA ASN A 226 -8.40 2.27 5.12
C ASN A 226 -9.45 1.19 4.86
N TYR A 227 -9.27 0.40 3.82
CA TYR A 227 -10.26 -0.52 3.32
C TYR A 227 -9.75 -1.92 3.08
N ALA A 228 -10.56 -2.95 3.39
CA ALA A 228 -10.16 -4.32 3.10
C ALA A 228 -11.28 -5.03 2.37
N PHE A 229 -10.95 -6.00 1.54
CA PHE A 229 -11.88 -6.93 0.94
C PHE A 229 -11.13 -8.20 0.54
N VAL A 230 -11.92 -9.21 0.20
CA VAL A 230 -11.32 -10.46 -0.27
C VAL A 230 -11.85 -10.70 -1.68
N LEU A 231 -10.91 -11.12 -2.52
CA LEU A 231 -11.14 -11.40 -3.91
C LEU A 231 -10.99 -12.88 -4.19
N ASP A 232 -11.97 -13.41 -4.91
CA ASP A 232 -11.74 -14.74 -5.48
C ASP A 232 -11.22 -14.57 -6.90
N PRO A 233 -9.97 -14.97 -7.13
CA PRO A 233 -9.28 -14.62 -8.37
C PRO A 233 -9.89 -15.35 -9.56
N GLN A 234 -10.73 -16.33 -9.27
CA GLN A 234 -11.36 -17.09 -10.35
C GLN A 234 -12.80 -16.63 -10.63
N SER A 235 -13.66 -16.70 -9.62
CA SER A 235 -15.03 -16.22 -9.79
C SER A 235 -15.03 -14.70 -9.83
N ARG A 236 -13.94 -14.10 -9.35
CA ARG A 236 -13.88 -12.65 -9.31
C ARG A 236 -14.91 -12.05 -8.36
N ALA A 237 -15.50 -12.86 -7.50
CA ALA A 237 -16.40 -12.42 -6.45
C ALA A 237 -15.68 -11.62 -5.36
N ILE A 238 -16.34 -10.58 -4.85
CA ILE A 238 -15.82 -9.69 -3.82
C ILE A 238 -16.60 -9.85 -2.52
N THR A 239 -15.88 -10.14 -1.43
CA THR A 239 -16.44 -10.42 -0.14
C THR A 239 -15.65 -9.76 0.98
N GLY A 240 -16.32 -9.69 2.14
CA GLY A 240 -15.73 -9.28 3.40
C GLY A 240 -15.26 -7.84 3.34
N ALA A 241 -15.85 -7.07 2.44
CA ALA A 241 -15.48 -5.66 2.35
C ALA A 241 -15.73 -4.91 3.65
N LYS A 242 -14.85 -3.97 4.00
CA LYS A 242 -15.02 -3.31 5.30
C LYS A 242 -14.04 -2.17 5.48
N ILE A 243 -14.43 -1.22 6.33
CA ILE A 243 -13.52 -0.16 6.73
C ILE A 243 -12.70 -0.73 7.88
N ILE A 244 -11.40 -0.51 7.84
CA ILE A 244 -10.52 -1.02 8.90
C ILE A 244 -9.75 0.07 9.63
N GLY A 245 -9.74 1.28 9.08
CA GLY A 245 -9.11 2.44 9.61
C GLY A 245 -9.59 3.75 9.00
N THR A 246 -9.46 4.78 9.81
CA THR A 246 -9.65 6.18 9.45
C THR A 246 -8.63 7.00 10.23
N LYS A 247 -8.63 8.29 9.92
CA LYS A 247 -7.81 9.35 10.48
C LYS A 247 -7.88 9.38 12.01
N SER A 248 -9.11 9.24 12.54
CA SER A 248 -9.27 9.33 13.98
C SER A 248 -8.74 8.11 14.73
N CYS A 249 -8.32 7.08 14.01
CA CYS A 249 -7.77 5.87 14.59
C CYS A 249 -6.32 6.02 15.03
N TYR A 250 -5.65 6.97 14.42
CA TYR A 250 -4.26 7.33 14.58
C TYR A 250 -4.14 8.59 15.41
N PRO A 251 -3.03 8.80 16.08
CA PRO A 251 -2.90 10.04 16.85
C PRO A 251 -3.12 11.28 15.99
N PRO A 252 -3.53 12.34 16.69
CA PRO A 252 -3.72 13.63 16.03
C PRO A 252 -2.44 14.15 15.40
N CYS A 253 -2.59 14.71 14.21
CA CYS A 253 -1.51 15.34 13.47
C CYS A 253 -2.10 16.20 12.36
N GLU A 254 -1.36 17.24 11.96
CA GLU A 254 -1.80 18.12 10.87
C GLU A 254 -1.69 17.52 9.49
N PRO A 255 -2.76 17.53 8.71
CA PRO A 255 -2.60 17.00 7.35
C PRO A 255 -1.72 17.93 6.52
N LYS A 256 -1.49 17.51 5.28
CA LYS A 256 -0.71 18.33 4.36
C LYS A 256 -1.49 19.64 4.17
N VAL A 257 -2.78 19.46 3.93
CA VAL A 257 -3.74 20.53 3.83
C VAL A 257 -5.04 20.13 4.51
N PRO A 258 -5.75 21.14 4.99
CA PRO A 258 -7.01 20.96 5.71
C PRO A 258 -7.97 20.01 5.00
N LEU A 259 -7.91 20.05 3.68
CA LEU A 259 -8.79 19.23 2.86
C LEU A 259 -8.63 17.74 3.11
N LEU A 260 -7.48 17.37 3.66
CA LEU A 260 -7.14 15.96 3.82
C LEU A 260 -7.17 15.59 5.30
N ALA A 261 -8.03 16.30 6.03
CA ALA A 261 -8.19 16.11 7.47
C ALA A 261 -8.93 14.81 7.79
N ASP A 262 -9.52 14.20 6.77
CA ASP A 262 -10.15 12.90 6.95
C ASP A 262 -9.63 11.87 5.95
N CYS A 263 -8.33 11.94 5.67
CA CYS A 263 -7.62 11.10 4.74
C CYS A 263 -6.58 10.15 5.36
N VAL A 264 -6.67 8.83 5.14
CA VAL A 264 -5.59 7.91 5.41
C VAL A 264 -5.39 6.97 4.21
N PHE A 265 -4.15 6.72 3.86
CA PHE A 265 -3.87 5.97 2.63
C PHE A 265 -3.01 4.76 2.96
N ALA A 266 -3.63 3.60 2.89
CA ALA A 266 -3.12 2.33 3.36
C ALA A 266 -1.73 1.99 2.83
N SER A 267 -0.89 1.49 3.72
CA SER A 267 0.43 1.00 3.34
C SER A 267 0.43 -0.52 3.23
N GLY A 268 0.03 -1.17 4.32
CA GLY A 268 -0.23 -2.61 4.35
C GLY A 268 -0.36 -3.13 5.77
N ILE A 269 -0.61 -4.43 5.92
CA ILE A 269 -0.63 -5.01 7.25
C ILE A 269 0.55 -5.94 7.50
N VAL A 270 0.86 -6.08 8.78
CA VAL A 270 1.87 -7.04 9.23
C VAL A 270 1.23 -8.02 10.22
N MSE A 271 1.35 -9.31 9.99
CA MSE A 271 0.83 -10.32 10.90
C MSE A 271 1.56 -10.31 12.23
O MSE A 271 2.78 -10.29 12.35
CB MSE A 271 0.96 -11.69 10.24
CG MSE A 271 -0.09 -12.74 10.45
SE MSE A 271 -1.92 -12.12 10.32
CE MSE A 271 -2.20 -12.65 12.15
N ARG A 272 0.80 -10.32 13.33
CA ARG A 272 1.43 -10.33 14.65
C ARG A 272 1.33 -11.72 15.26
N SER A 273 2.17 -12.04 16.24
CA SER A 273 2.14 -13.42 16.76
C SER A 273 0.94 -13.63 17.67
N ASP A 274 0.42 -12.56 18.26
CA ASP A 274 -0.79 -12.70 19.08
C ASP A 274 -2.03 -12.82 18.23
N GLY A 275 -1.85 -12.85 16.91
CA GLY A 275 -2.99 -13.07 16.04
C GLY A 275 -3.65 -11.83 15.50
N LYS A 276 -3.27 -10.67 16.03
CA LYS A 276 -3.73 -9.39 15.52
C LYS A 276 -2.89 -8.98 14.31
N VAL A 277 -3.23 -7.84 13.69
CA VAL A 277 -2.34 -7.28 12.69
C VAL A 277 -1.98 -5.83 13.00
N ASP A 278 -0.76 -5.45 12.59
CA ASP A 278 -0.44 -4.03 12.57
C ASP A 278 -0.71 -3.50 11.15
N LEU A 279 -1.59 -2.51 11.11
CA LEU A 279 -1.87 -1.70 9.95
C LEU A 279 -1.02 -0.43 9.94
N TYR A 280 -0.24 -0.28 8.89
CA TYR A 280 0.57 0.87 8.54
C TYR A 280 -0.16 1.67 7.47
N SER A 281 -0.18 2.99 7.69
CA SER A 281 -0.90 3.86 6.79
C SER A 281 -0.26 5.24 6.69
N GLY A 282 -0.40 5.81 5.49
CA GLY A 282 -0.12 7.25 5.37
C GLY A 282 -1.28 7.96 6.09
N VAL A 283 -0.97 9.05 6.75
CA VAL A 283 -1.91 9.83 7.54
C VAL A 283 -1.91 11.29 7.09
N GLY A 284 -3.04 11.82 6.63
CA GLY A 284 -3.14 13.23 6.24
C GLY A 284 -2.19 13.70 5.18
N ASP A 285 -1.56 12.80 4.42
CA ASP A 285 -0.53 13.05 3.43
C ASP A 285 0.65 13.78 4.07
N SER A 286 0.84 13.56 5.37
CA SER A 286 1.97 14.16 6.09
C SER A 286 2.72 13.27 7.06
N HIS A 287 2.10 12.21 7.57
CA HIS A 287 2.71 11.31 8.54
C HIS A 287 2.46 9.86 8.15
N GLU A 288 3.10 8.93 8.85
CA GLU A 288 2.87 7.50 8.71
C GLU A 288 2.38 6.97 10.05
N GLY A 289 1.26 6.25 10.04
CA GLY A 289 0.76 5.73 11.29
C GLY A 289 0.72 4.21 11.31
N ARG A 290 0.62 3.67 12.52
CA ARG A 290 0.37 2.26 12.77
C ARG A 290 -0.71 2.11 13.85
N ILE A 291 -1.73 1.33 13.54
CA ILE A 291 -2.76 0.92 14.48
C ILE A 291 -2.80 -0.62 14.47
N THR A 292 -3.07 -1.17 15.64
CA THR A 292 -3.22 -2.62 15.85
C THR A 292 -4.72 -2.89 15.91
N ILE A 293 -5.17 -3.78 15.04
CA ILE A 293 -6.53 -4.13 14.73
C ILE A 293 -6.69 -5.64 14.58
N ASP A 294 -7.91 -6.12 14.62
CA ASP A 294 -8.23 -7.52 14.39
C ASP A 294 -7.89 -7.91 12.95
N TYR A 295 -7.57 -9.19 12.80
CA TYR A 295 -7.35 -9.78 11.50
C TYR A 295 -8.53 -9.47 10.57
N PRO A 296 -8.23 -8.81 9.47
CA PRO A 296 -9.33 -8.37 8.60
C PRO A 296 -9.79 -9.30 7.49
N PHE A 297 -9.33 -10.53 7.42
CA PHE A 297 -9.84 -11.44 6.38
C PHE A 297 -10.43 -12.68 7.05
N LYS A 298 -10.91 -12.47 8.27
CA LYS A 298 -11.50 -13.52 9.09
C LYS A 298 -12.47 -14.39 8.28
N GLY A 299 -12.28 -15.70 8.43
CA GLY A 299 -13.10 -16.67 7.74
C GLY A 299 -12.63 -16.95 6.34
N HIS A 300 -11.59 -16.25 5.83
CA HIS A 300 -11.20 -16.58 4.47
C HIS A 300 -9.80 -17.17 4.46
N GLY A 301 -9.37 -17.69 5.60
CA GLY A 301 -8.07 -18.26 5.73
C GLY A 301 -7.03 -17.26 6.21
N THR A 302 -5.85 -17.79 6.49
CA THR A 302 -4.64 -17.18 6.91
C THR A 302 -3.77 -16.72 5.74
N ILE A 303 -2.91 -15.76 6.07
CA ILE A 303 -1.93 -15.28 5.10
C ILE A 303 -0.79 -16.27 4.88
N ILE A 304 -0.50 -16.49 3.60
CA ILE A 304 0.55 -17.33 3.07
C ILE A 304 1.75 -16.51 2.60
N GLY A 305 2.94 -16.86 3.12
CA GLY A 305 4.12 -16.13 2.67
C GLY A 305 4.36 -14.92 3.54
N ASP A 306 5.41 -14.19 3.21
CA ASP A 306 5.88 -13.03 3.94
C ASP A 306 6.68 -12.08 3.07
N LEU A 307 7.01 -10.96 3.69
CA LEU A 307 7.86 -9.94 3.06
C LEU A 307 9.22 -9.92 3.69
N HIS A 308 9.72 -11.15 3.88
CA HIS A 308 11.09 -11.34 4.33
C HIS A 308 11.96 -11.68 3.12
N PHE A 309 12.92 -10.82 2.79
CA PHE A 309 13.71 -10.95 1.58
C PHE A 309 15.11 -11.52 1.82
N PRO A 310 15.44 -12.51 1.01
CA PRO A 310 16.75 -13.16 1.05
C PRO A 310 17.81 -12.22 0.51
N MSE A 311 19.05 -12.28 0.99
CA MSE A 311 20.02 -11.37 0.37
C MSE A 311 20.71 -12.03 -0.81
O MSE A 311 20.17 -12.96 -1.42
CB MSE A 311 21.02 -10.84 1.40
CG MSE A 311 21.73 -11.90 2.20
SE MSE A 311 22.96 -11.25 3.54
CE MSE A 311 22.16 -12.28 4.93
#